data_4C4Z
#
_entry.id   4C4Z
#
_cell.length_a   46.490
_cell.length_b   79.850
_cell.length_c   87.220
_cell.angle_alpha   90.00
_cell.angle_beta   89.38
_cell.angle_gamma   90.00
#
_symmetry.space_group_name_H-M   'P 1 21 1'
#
loop_
_entity.id
_entity.type
_entity.pdbx_description
1 polymer 'BIFUNCTIONAL EPOXIDE HYDROLASE 2'
2 non-polymer 1-ethyl-3-naphthalen-1-ylurea
3 water water
#
_entity_poly.entity_id   1
_entity_poly.type   'polypeptide(L)'
_entity_poly.pdbx_seq_one_letter_code
;TSCNPSDMSHGYVTVKPRVRLHFVELGSGPAVCLCHGFPESWYSWRYQIPALAQAGYRVLAMDMKGYGESSAPPEIEEYC
MEVLCKEMVTFLDKLGLSQAVFIGHDWGGMLVWYMALFYPERVRAVASLNTPFIPANPNMSPLESIKANPVFDYQLYFQE
PGVAEAELEQNLSRTFKSLFRASDESVLSMHKVCEAGGLFVNSPEEPSLSRMVTEEEIQFYVQQFKKSGFRGPLNWYRNM
ERNWKWACKSLGRKILIPALMVTAEKDFVLVPQMSQHMEDWIPHLKRGHIEDCGHWTQMDKPTEVNQILIKWLDSDARNP
PVVSKM
;
_entity_poly.pdbx_strand_id   A,B
#
# COMPACT_ATOMS: atom_id res chain seq x y z
N THR A 1 12.99 -9.97 -15.88
CA THR A 1 11.83 -9.96 -14.99
C THR A 1 11.07 -8.63 -15.12
N SER A 2 9.75 -8.72 -15.37
CA SER A 2 8.86 -7.57 -15.53
C SER A 2 7.71 -7.60 -14.50
N CYS A 3 6.75 -6.66 -14.63
CA CYS A 3 5.59 -6.55 -13.73
C CYS A 3 4.26 -6.81 -14.43
N ASN A 4 3.39 -7.60 -13.78
CA ASN A 4 2.04 -7.91 -14.27
C ASN A 4 1.05 -7.11 -13.40
N PRO A 5 0.28 -6.16 -14.00
CA PRO A 5 -0.63 -5.31 -13.21
C PRO A 5 -1.61 -5.99 -12.26
N SER A 6 -2.16 -7.15 -12.66
CA SER A 6 -3.12 -7.92 -11.87
C SER A 6 -2.50 -8.54 -10.60
N ASP A 7 -1.18 -8.81 -10.62
CA ASP A 7 -0.43 -9.41 -9.51
C ASP A 7 0.28 -8.38 -8.60
N MET A 8 0.09 -7.07 -8.86
CA MET A 8 0.72 -6.01 -8.08
C MET A 8 -0.17 -5.52 -6.93
N SER A 9 0.47 -5.05 -5.85
CA SER A 9 -0.20 -4.47 -4.68
C SER A 9 -0.49 -3.00 -5.03
N HIS A 10 -1.77 -2.63 -5.11
CA HIS A 10 -2.17 -1.26 -5.46
C HIS A 10 -2.51 -0.42 -4.23
N GLY A 11 -1.77 0.67 -4.05
CA GLY A 11 -1.96 1.60 -2.95
C GLY A 11 -2.55 2.93 -3.40
N TYR A 12 -3.37 3.56 -2.54
CA TYR A 12 -4.03 4.83 -2.83
C TYR A 12 -3.93 5.78 -1.63
N VAL A 13 -3.45 7.03 -1.87
CA VAL A 13 -3.29 8.05 -0.83
C VAL A 13 -3.98 9.36 -1.27
N THR A 14 -5.01 9.78 -0.52
CA THR A 14 -5.72 11.03 -0.78
C THR A 14 -4.94 12.15 -0.06
N VAL A 15 -4.17 12.91 -0.84
CA VAL A 15 -3.33 14.00 -0.31
C VAL A 15 -4.09 15.33 -0.17
N LYS A 16 -5.17 15.48 -0.94
CA LYS A 16 -6.05 16.65 -0.97
C LYS A 16 -7.47 16.18 -1.35
N PRO A 17 -8.56 16.87 -0.91
CA PRO A 17 -9.89 16.47 -1.39
C PRO A 17 -9.95 16.82 -2.87
N ARG A 18 -10.05 15.77 -3.74
CA ARG A 18 -10.04 15.76 -5.22
C ARG A 18 -8.73 15.17 -5.78
N VAL A 19 -7.66 15.11 -4.94
CA VAL A 19 -6.36 14.58 -5.36
C VAL A 19 -5.99 13.29 -4.61
N ARG A 20 -6.03 12.16 -5.33
CA ARG A 20 -5.67 10.83 -4.83
C ARG A 20 -4.50 10.29 -5.66
N LEU A 21 -3.42 9.86 -4.99
CA LEU A 21 -2.24 9.33 -5.65
C LEU A 21 -2.16 7.81 -5.61
N HIS A 22 -2.09 7.19 -6.80
CA HIS A 22 -1.99 5.74 -6.96
C HIS A 22 -0.53 5.32 -7.08
N PHE A 23 -0.20 4.14 -6.54
CA PHE A 23 1.14 3.56 -6.57
C PHE A 23 1.10 2.05 -6.45
N VAL A 24 2.14 1.37 -6.96
CA VAL A 24 2.29 -0.07 -6.79
C VAL A 24 3.40 -0.30 -5.76
N GLU A 25 3.25 -1.32 -4.92
CA GLU A 25 4.21 -1.57 -3.86
C GLU A 25 4.77 -2.99 -3.87
N LEU A 26 6.10 -3.12 -3.71
CA LEU A 26 6.78 -4.42 -3.69
C LEU A 26 8.08 -4.37 -2.86
N GLY A 27 8.30 -5.41 -2.08
CA GLY A 27 9.51 -5.57 -1.26
C GLY A 27 9.46 -4.97 0.12
N SER A 28 10.49 -5.28 0.92
CA SER A 28 10.67 -4.80 2.29
C SER A 28 12.02 -4.09 2.42
N GLY A 29 12.12 -3.19 3.39
CA GLY A 29 13.33 -2.43 3.67
C GLY A 29 13.15 -0.94 3.48
N PRO A 30 14.24 -0.19 3.14
CA PRO A 30 14.11 1.27 2.97
C PRO A 30 13.19 1.65 1.81
N ALA A 31 12.32 2.65 2.05
CA ALA A 31 11.34 3.15 1.08
C ALA A 31 12.02 3.80 -0.13
N VAL A 32 11.72 3.28 -1.33
CA VAL A 32 12.24 3.75 -2.61
C VAL A 32 11.06 4.23 -3.45
N CYS A 33 10.95 5.55 -3.63
CA CYS A 33 9.88 6.16 -4.40
C CYS A 33 10.33 6.42 -5.83
N LEU A 34 9.67 5.77 -6.80
CA LEU A 34 9.99 5.91 -8.22
C LEU A 34 9.00 6.85 -8.91
N CYS A 35 9.53 7.89 -9.57
CA CYS A 35 8.73 8.92 -10.24
C CYS A 35 8.95 8.96 -11.74
N HIS A 36 7.92 8.57 -12.52
CA HIS A 36 7.98 8.52 -13.98
C HIS A 36 7.87 9.89 -14.66
N GLY A 37 8.15 9.94 -15.96
CA GLY A 37 8.09 11.14 -16.78
C GLY A 37 6.90 11.22 -17.70
N PHE A 38 7.02 12.03 -18.76
CA PHE A 38 5.97 12.26 -19.74
C PHE A 38 6.23 11.51 -21.06
N PRO A 39 5.23 10.82 -21.65
CA PRO A 39 3.86 10.55 -21.19
C PRO A 39 3.81 9.12 -20.65
N GLU A 40 4.37 8.91 -19.45
CA GLU A 40 4.54 7.57 -18.89
C GLU A 40 3.53 7.03 -17.87
N SER A 41 3.95 6.05 -17.05
CA SER A 41 3.15 5.33 -16.05
C SER A 41 4.09 4.66 -15.03
N TRP A 42 3.52 4.05 -13.95
CA TRP A 42 4.29 3.30 -12.96
C TRP A 42 4.96 2.13 -13.67
N TYR A 43 4.32 1.65 -14.75
CA TYR A 43 4.71 0.55 -15.63
C TYR A 43 6.04 0.79 -16.34
N SER A 44 6.51 2.05 -16.41
CA SER A 44 7.81 2.38 -17.00
C SER A 44 8.95 1.84 -16.14
N TRP A 45 8.65 1.56 -14.85
CA TRP A 45 9.58 1.01 -13.88
C TRP A 45 9.45 -0.52 -13.75
N ARG A 46 8.66 -1.16 -14.65
CA ARG A 46 8.39 -2.62 -14.66
C ARG A 46 9.60 -3.54 -14.46
N TYR A 47 10.77 -3.14 -14.97
CA TYR A 47 12.00 -3.93 -14.84
C TYR A 47 12.77 -3.60 -13.55
N GLN A 48 12.59 -2.37 -13.03
CA GLN A 48 13.24 -1.89 -11.81
C GLN A 48 12.56 -2.39 -10.54
N ILE A 49 11.20 -2.39 -10.51
CA ILE A 49 10.39 -2.84 -9.36
C ILE A 49 10.84 -4.21 -8.80
N PRO A 50 10.88 -5.33 -9.59
CA PRO A 50 11.34 -6.61 -9.01
C PRO A 50 12.83 -6.64 -8.70
N ALA A 51 13.65 -5.86 -9.42
CA ALA A 51 15.10 -5.79 -9.22
C ALA A 51 15.46 -5.11 -7.91
N LEU A 52 14.85 -3.94 -7.61
CA LEU A 52 15.11 -3.21 -6.37
C LEU A 52 14.53 -3.92 -5.15
N ALA A 53 13.36 -4.59 -5.31
CA ALA A 53 12.71 -5.35 -4.24
C ALA A 53 13.55 -6.56 -3.84
N GLN A 54 14.21 -7.22 -4.84
CA GLN A 54 15.10 -8.37 -4.63
C GLN A 54 16.38 -7.93 -3.93
N ALA A 55 16.85 -6.69 -4.21
CA ALA A 55 18.04 -6.07 -3.62
C ALA A 55 17.85 -5.71 -2.13
N GLY A 56 16.62 -5.78 -1.64
CA GLY A 56 16.26 -5.49 -0.25
C GLY A 56 15.68 -4.11 -0.02
N TYR A 57 14.77 -3.67 -0.92
CA TYR A 57 14.15 -2.35 -0.82
C TYR A 57 12.63 -2.37 -0.97
N ARG A 58 11.96 -1.44 -0.28
CA ARG A 58 10.51 -1.27 -0.34
C ARG A 58 10.24 -0.31 -1.50
N VAL A 59 9.80 -0.86 -2.63
CA VAL A 59 9.56 -0.11 -3.87
C VAL A 59 8.14 0.47 -3.89
N LEU A 60 8.04 1.78 -4.17
CA LEU A 60 6.78 2.50 -4.28
C LEU A 60 6.75 3.22 -5.64
N ALA A 61 6.38 2.49 -6.71
CA ALA A 61 6.33 3.04 -8.06
C ALA A 61 5.03 3.83 -8.24
N MET A 62 5.19 5.14 -8.37
CA MET A 62 4.09 6.10 -8.47
C MET A 62 3.43 6.18 -9.83
N ASP A 63 2.16 6.57 -9.81
CA ASP A 63 1.39 6.96 -10.98
C ASP A 63 1.30 8.46 -10.67
N MET A 64 2.14 9.27 -11.35
CA MET A 64 2.22 10.71 -11.10
C MET A 64 0.88 11.42 -11.33
N LYS A 65 0.69 12.60 -10.69
CA LYS A 65 -0.54 13.38 -10.80
C LYS A 65 -0.89 13.63 -12.27
N GLY A 66 -2.09 13.21 -12.66
CA GLY A 66 -2.59 13.31 -14.02
C GLY A 66 -2.42 12.06 -14.86
N TYR A 67 -1.88 10.97 -14.25
CA TYR A 67 -1.63 9.70 -14.94
C TYR A 67 -2.35 8.51 -14.36
N GLY A 68 -2.80 7.62 -15.23
CA GLY A 68 -3.47 6.35 -14.92
C GLY A 68 -4.59 6.40 -13.90
N GLU A 69 -4.38 5.71 -12.76
CA GLU A 69 -5.35 5.62 -11.67
C GLU A 69 -5.30 6.81 -10.69
N SER A 70 -4.26 7.67 -10.80
CA SER A 70 -4.13 8.86 -9.97
C SER A 70 -5.07 9.95 -10.50
N SER A 71 -5.48 10.87 -9.63
CA SER A 71 -6.38 11.97 -9.95
C SER A 71 -5.82 12.91 -11.03
N ALA A 72 -6.71 13.42 -11.89
CA ALA A 72 -6.32 14.31 -12.98
C ALA A 72 -7.20 15.58 -13.08
N PRO A 73 -7.00 16.58 -12.18
CA PRO A 73 -7.81 17.83 -12.29
C PRO A 73 -7.45 18.62 -13.57
N PRO A 74 -8.41 19.34 -14.19
CA PRO A 74 -8.06 20.04 -15.45
C PRO A 74 -7.28 21.35 -15.31
N GLU A 75 -7.15 21.88 -14.07
CA GLU A 75 -6.44 23.13 -13.78
C GLU A 75 -4.94 23.03 -14.04
N ILE A 76 -4.39 24.03 -14.77
CA ILE A 76 -2.97 24.14 -15.13
C ILE A 76 -2.08 24.32 -13.89
N GLU A 77 -2.53 25.19 -12.96
CA GLU A 77 -1.85 25.54 -11.69
C GLU A 77 -1.62 24.32 -10.79
N GLU A 78 -2.48 23.29 -10.91
CA GLU A 78 -2.42 22.04 -10.14
C GLU A 78 -1.20 21.18 -10.51
N TYR A 79 -0.47 21.56 -11.58
CA TYR A 79 0.69 20.82 -12.08
C TYR A 79 2.01 21.58 -12.03
N CYS A 80 2.11 22.61 -11.16
CA CYS A 80 3.37 23.33 -10.98
C CYS A 80 4.22 22.58 -9.97
N MET A 81 5.56 22.73 -10.05
CA MET A 81 6.52 22.06 -9.16
C MET A 81 6.23 22.23 -7.67
N GLU A 82 5.76 23.43 -7.26
CA GLU A 82 5.43 23.74 -5.87
C GLU A 82 4.31 22.85 -5.31
N VAL A 83 3.14 22.80 -5.98
CA VAL A 83 2.01 21.98 -5.53
C VAL A 83 2.24 20.47 -5.69
N LEU A 84 3.02 20.06 -6.72
CA LEU A 84 3.34 18.65 -6.97
C LEU A 84 4.28 18.11 -5.89
N CYS A 85 5.30 18.91 -5.49
CA CYS A 85 6.25 18.54 -4.45
C CYS A 85 5.60 18.46 -3.07
N LYS A 86 4.74 19.45 -2.74
CA LYS A 86 4.00 19.51 -1.46
C LYS A 86 3.07 18.31 -1.28
N GLU A 87 2.46 17.83 -2.37
CA GLU A 87 1.57 16.66 -2.38
C GLU A 87 2.37 15.39 -2.09
N MET A 88 3.63 15.32 -2.58
CA MET A 88 4.53 14.19 -2.34
C MET A 88 5.01 14.14 -0.89
N VAL A 89 5.07 15.32 -0.21
CA VAL A 89 5.45 15.44 1.21
C VAL A 89 4.28 14.86 2.04
N THR A 90 3.03 15.25 1.68
CA THR A 90 1.77 14.80 2.30
C THR A 90 1.61 13.30 2.10
N PHE A 91 2.06 12.80 0.93
CA PHE A 91 2.04 11.38 0.55
C PHE A 91 2.87 10.57 1.54
N LEU A 92 4.08 11.08 1.90
CA LEU A 92 4.99 10.45 2.86
C LEU A 92 4.40 10.51 4.28
N ASP A 93 3.75 11.65 4.62
CA ASP A 93 3.11 11.89 5.92
C ASP A 93 1.98 10.89 6.20
N LYS A 94 1.07 10.72 5.22
CA LYS A 94 -0.08 9.82 5.35
C LYS A 94 0.31 8.33 5.38
N LEU A 95 1.46 7.99 4.76
CA LEU A 95 2.01 6.63 4.75
C LEU A 95 2.89 6.38 5.99
N GLY A 96 3.15 7.44 6.76
CA GLY A 96 3.97 7.40 7.96
C GLY A 96 5.45 7.22 7.68
N LEU A 97 5.90 7.76 6.53
CA LEU A 97 7.30 7.68 6.12
C LEU A 97 8.00 9.01 6.39
N SER A 98 9.01 8.99 7.27
CA SER A 98 9.80 10.18 7.61
C SER A 98 10.75 10.49 6.46
N GLN A 99 11.31 9.43 5.85
CA GLN A 99 12.26 9.52 4.73
C GLN A 99 11.99 8.47 3.67
N ALA A 100 12.44 8.74 2.43
CA ALA A 100 12.35 7.86 1.27
C ALA A 100 13.37 8.29 0.21
N VAL A 101 14.02 7.31 -0.43
CA VAL A 101 14.95 7.62 -1.51
C VAL A 101 14.13 7.83 -2.78
N PHE A 102 14.23 9.04 -3.36
CA PHE A 102 13.49 9.43 -4.55
C PHE A 102 14.29 9.26 -5.83
N ILE A 103 13.82 8.38 -6.72
CA ILE A 103 14.43 8.10 -8.01
C ILE A 103 13.44 8.55 -9.09
N GLY A 104 13.86 9.50 -9.92
CA GLY A 104 13.01 10.04 -10.98
C GLY A 104 13.59 9.97 -12.37
N HIS A 105 12.72 10.13 -13.37
CA HIS A 105 13.04 10.15 -14.79
C HIS A 105 12.17 11.20 -15.48
N ASP A 106 12.77 12.00 -16.40
CA ASP A 106 12.12 13.06 -17.16
C ASP A 106 11.49 14.13 -16.23
N TRP A 107 10.16 14.30 -16.24
CA TRP A 107 9.47 15.25 -15.35
C TRP A 107 9.53 14.79 -13.90
N GLY A 108 9.55 13.47 -13.71
CA GLY A 108 9.72 12.84 -12.41
C GLY A 108 11.09 13.13 -11.84
N GLY A 109 12.08 13.21 -12.73
CA GLY A 109 13.46 13.56 -12.42
C GLY A 109 13.60 15.01 -11.98
N MET A 110 12.78 15.89 -12.60
CA MET A 110 12.73 17.32 -12.27
C MET A 110 12.06 17.49 -10.90
N LEU A 111 11.05 16.64 -10.61
CA LEU A 111 10.31 16.63 -9.33
C LEU A 111 11.24 16.19 -8.20
N VAL A 112 12.01 15.09 -8.41
CA VAL A 112 12.94 14.56 -7.40
C VAL A 112 14.06 15.52 -7.00
N TRP A 113 14.58 16.33 -7.95
CA TRP A 113 15.60 17.32 -7.68
C TRP A 113 15.05 18.43 -6.78
N TYR A 114 13.79 18.86 -7.04
CA TYR A 114 13.12 19.88 -6.24
C TYR A 114 12.65 19.35 -4.89
N MET A 115 12.46 18.01 -4.78
CA MET A 115 12.12 17.36 -3.52
C MET A 115 13.37 17.38 -2.65
N ALA A 116 14.56 17.14 -3.25
CA ALA A 116 15.85 17.18 -2.56
C ALA A 116 16.25 18.61 -2.18
N LEU A 117 15.90 19.59 -3.04
CA LEU A 117 16.22 21.01 -2.85
C LEU A 117 15.43 21.63 -1.69
N PHE A 118 14.08 21.55 -1.75
CA PHE A 118 13.18 22.14 -0.77
C PHE A 118 12.86 21.27 0.43
N TYR A 119 12.92 19.93 0.29
CA TYR A 119 12.62 19.02 1.40
C TYR A 119 13.74 17.97 1.58
N PRO A 120 14.99 18.38 1.91
CA PRO A 120 16.07 17.37 2.06
C PRO A 120 15.88 16.41 3.23
N GLU A 121 15.15 16.85 4.27
CA GLU A 121 14.85 16.05 5.47
C GLU A 121 13.98 14.83 5.18
N ARG A 122 13.18 14.89 4.08
CA ARG A 122 12.27 13.82 3.66
C ARG A 122 12.84 12.94 2.55
N VAL A 123 13.96 13.40 1.93
CA VAL A 123 14.62 12.67 0.84
C VAL A 123 15.93 12.06 1.36
N ARG A 124 15.91 10.73 1.63
CA ARG A 124 17.05 9.94 2.14
C ARG A 124 18.25 10.04 1.20
N ALA A 125 17.99 9.92 -0.11
CA ALA A 125 18.96 10.03 -1.20
C ALA A 125 18.19 10.33 -2.49
N VAL A 126 18.83 11.01 -3.44
CA VAL A 126 18.16 11.39 -4.70
C VAL A 126 18.88 10.86 -5.95
N ALA A 127 18.12 10.28 -6.88
CA ALA A 127 18.64 9.77 -8.14
C ALA A 127 17.79 10.27 -9.30
N SER A 128 18.43 10.63 -10.41
CA SER A 128 17.73 11.11 -11.59
C SER A 128 18.25 10.48 -12.86
N LEU A 129 17.32 10.06 -13.72
CA LEU A 129 17.63 9.46 -15.01
C LEU A 129 17.41 10.54 -16.08
N ASN A 130 18.51 10.94 -16.75
CA ASN A 130 18.59 11.91 -17.85
C ASN A 130 18.39 13.37 -17.43
N THR A 131 17.44 13.65 -16.53
CA THR A 131 17.13 15.00 -16.05
C THR A 131 18.22 15.59 -15.16
N PRO A 132 18.87 16.69 -15.60
CA PRO A 132 19.90 17.32 -14.75
C PRO A 132 19.30 18.34 -13.79
N PHE A 133 20.11 18.85 -12.85
CA PHE A 133 19.68 19.89 -11.93
C PHE A 133 20.42 21.19 -12.27
N ILE A 134 19.67 22.18 -12.79
CA ILE A 134 20.19 23.49 -13.15
C ILE A 134 19.53 24.53 -12.24
N PRO A 135 20.32 25.29 -11.42
CA PRO A 135 19.70 26.30 -10.55
C PRO A 135 19.09 27.44 -11.37
N ALA A 136 17.91 27.93 -10.96
CA ALA A 136 17.19 29.00 -11.65
C ALA A 136 17.91 30.34 -11.56
N ASN A 137 18.07 31.00 -12.72
CA ASN A 137 18.71 32.30 -12.83
C ASN A 137 17.62 33.38 -12.66
N PRO A 138 17.71 34.25 -11.62
CA PRO A 138 16.66 35.27 -11.43
C PRO A 138 16.64 36.40 -12.48
N ASN A 139 17.73 36.52 -13.25
CA ASN A 139 17.87 37.54 -14.31
C ASN A 139 17.38 37.03 -15.67
N MET A 140 17.29 35.70 -15.85
CA MET A 140 16.85 35.06 -17.10
C MET A 140 15.37 34.65 -17.08
N SER A 141 14.66 34.96 -18.18
CA SER A 141 13.24 34.66 -18.38
C SER A 141 13.06 33.19 -18.81
N PRO A 142 11.99 32.48 -18.34
CA PRO A 142 11.81 31.07 -18.73
C PRO A 142 11.57 30.81 -20.22
N LEU A 143 10.81 31.70 -20.90
CA LEU A 143 10.50 31.58 -22.33
C LEU A 143 11.72 31.86 -23.21
N GLU A 144 12.63 32.74 -22.75
CA GLU A 144 13.86 33.13 -23.46
C GLU A 144 14.87 31.98 -23.55
N SER A 145 15.00 31.17 -22.47
CA SER A 145 15.91 30.03 -22.39
C SER A 145 15.47 28.87 -23.30
N ILE A 146 14.15 28.59 -23.35
CA ILE A 146 13.56 27.52 -24.17
C ILE A 146 13.63 27.85 -25.67
N LYS A 147 13.36 29.12 -26.04
CA LYS A 147 13.40 29.59 -27.44
C LYS A 147 14.82 29.64 -28.00
N ALA A 148 15.84 29.86 -27.13
CA ALA A 148 17.26 29.94 -27.51
C ALA A 148 17.79 28.59 -28.00
N ASN A 149 17.29 27.48 -27.43
CA ASN A 149 17.69 26.12 -27.80
C ASN A 149 16.70 25.55 -28.84
N PRO A 150 17.16 25.16 -30.06
CA PRO A 150 16.22 24.65 -31.07
C PRO A 150 15.56 23.30 -30.74
N VAL A 151 16.16 22.52 -29.82
CA VAL A 151 15.66 21.21 -29.39
C VAL A 151 14.35 21.31 -28.57
N PHE A 152 14.15 22.41 -27.82
CA PHE A 152 12.96 22.63 -26.99
C PHE A 152 11.79 23.34 -27.71
N ASP A 153 11.71 23.21 -29.05
CA ASP A 153 10.64 23.80 -29.87
C ASP A 153 9.28 23.13 -29.63
N TYR A 154 9.28 21.81 -29.35
CA TYR A 154 8.08 21.01 -29.07
C TYR A 154 7.36 21.47 -27.79
N GLN A 155 8.12 22.04 -26.83
CA GLN A 155 7.60 22.55 -25.55
C GLN A 155 6.66 23.74 -25.77
N LEU A 156 6.93 24.55 -26.81
CA LEU A 156 6.11 25.71 -27.20
C LEU A 156 4.76 25.23 -27.77
N TYR A 157 4.79 24.09 -28.49
CA TYR A 157 3.61 23.43 -29.08
C TYR A 157 2.73 22.84 -27.98
N PHE A 158 3.35 22.39 -26.88
CA PHE A 158 2.70 21.80 -25.71
C PHE A 158 2.00 22.85 -24.80
N GLN A 159 2.24 24.16 -25.06
CA GLN A 159 1.67 25.26 -24.26
C GLN A 159 0.16 25.47 -24.37
N GLU A 160 -0.36 25.68 -25.60
CA GLU A 160 -1.78 25.92 -25.85
C GLU A 160 -2.67 24.72 -25.51
N PRO A 161 -3.59 24.86 -24.52
CA PRO A 161 -4.45 23.73 -24.14
C PRO A 161 -5.37 23.24 -25.26
N GLY A 162 -5.45 21.92 -25.40
CA GLY A 162 -6.28 21.26 -26.41
C GLY A 162 -5.58 20.92 -27.71
N VAL A 163 -4.57 21.73 -28.09
CA VAL A 163 -3.80 21.58 -29.33
C VAL A 163 -2.99 20.26 -29.36
N ALA A 164 -2.07 20.05 -28.39
CA ALA A 164 -1.26 18.83 -28.32
C ALA A 164 -2.09 17.64 -27.86
N GLU A 165 -3.15 17.88 -27.04
CA GLU A 165 -4.06 16.85 -26.54
C GLU A 165 -4.75 16.14 -27.70
N ALA A 166 -5.29 16.90 -28.69
CA ALA A 166 -5.98 16.39 -29.86
C ALA A 166 -5.11 15.48 -30.72
N GLU A 167 -3.82 15.80 -30.87
CA GLU A 167 -2.88 14.99 -31.64
C GLU A 167 -2.50 13.70 -30.92
N LEU A 168 -2.13 13.81 -29.62
CA LEU A 168 -1.73 12.66 -28.79
C LEU A 168 -2.88 11.69 -28.48
N GLU A 169 -4.13 12.18 -28.45
CA GLU A 169 -5.34 11.38 -28.18
C GLU A 169 -6.01 10.82 -29.45
N GLN A 170 -5.62 11.32 -30.65
CA GLN A 170 -6.17 10.91 -31.96
C GLN A 170 -6.09 9.41 -32.19
N ASN A 171 -4.92 8.81 -31.89
CA ASN A 171 -4.65 7.38 -32.03
C ASN A 171 -3.59 7.05 -30.98
N LEU A 172 -4.04 6.48 -29.84
CA LEU A 172 -3.18 6.13 -28.70
C LEU A 172 -2.18 5.03 -29.03
N SER A 173 -2.58 4.04 -29.86
CA SER A 173 -1.71 2.95 -30.31
C SER A 173 -0.54 3.52 -31.11
N ARG A 174 -0.83 4.49 -32.01
CA ARG A 174 0.15 5.19 -32.85
C ARG A 174 1.04 6.08 -31.97
N THR A 175 0.43 6.80 -30.99
CA THR A 175 1.11 7.70 -30.05
C THR A 175 2.27 7.02 -29.32
N PHE A 176 2.01 5.89 -28.65
CA PHE A 176 3.03 5.17 -27.89
C PHE A 176 4.02 4.39 -28.75
N LYS A 177 3.60 3.94 -29.94
CA LYS A 177 4.48 3.22 -30.88
C LYS A 177 5.48 4.19 -31.52
N SER A 178 5.07 5.45 -31.71
CA SER A 178 5.92 6.50 -32.28
C SER A 178 6.88 7.06 -31.23
N LEU A 179 6.40 7.23 -29.97
CA LEU A 179 7.20 7.77 -28.88
C LEU A 179 8.19 6.78 -28.28
N PHE A 180 7.71 5.60 -27.81
CA PHE A 180 8.56 4.59 -27.17
C PHE A 180 9.45 3.82 -28.14
N ARG A 181 10.48 4.50 -28.67
CA ARG A 181 11.44 3.92 -29.62
C ARG A 181 12.86 4.24 -29.19
N ALA A 182 13.82 3.35 -29.55
CA ALA A 182 15.24 3.58 -29.30
C ALA A 182 15.66 4.70 -30.25
N SER A 183 16.67 5.50 -29.88
CA SER A 183 17.16 6.65 -30.67
C SER A 183 17.38 6.38 -32.17
N ASP A 184 17.92 5.20 -32.51
CA ASP A 184 18.16 4.79 -33.89
C ASP A 184 16.86 4.45 -34.64
N GLU A 185 15.81 4.06 -33.89
CA GLU A 185 14.50 3.69 -34.42
C GLU A 185 13.53 4.90 -34.48
N SER A 186 13.91 6.02 -33.83
CA SER A 186 13.12 7.26 -33.74
C SER A 186 12.64 7.80 -35.09
N VAL A 187 11.34 8.11 -35.16
CA VAL A 187 10.66 8.67 -36.34
C VAL A 187 10.20 10.11 -36.10
N LEU A 188 10.46 10.63 -34.88
CA LEU A 188 10.09 11.97 -34.46
C LEU A 188 11.28 12.91 -34.44
N SER A 189 11.10 14.12 -34.96
CA SER A 189 12.11 15.17 -34.97
C SER A 189 11.61 16.26 -34.03
N MET A 190 12.25 16.38 -32.85
CA MET A 190 11.87 17.35 -31.81
C MET A 190 12.15 18.81 -32.18
N HIS A 191 12.86 19.03 -33.30
CA HIS A 191 13.19 20.34 -33.85
C HIS A 191 12.13 20.72 -34.89
N LYS A 192 11.68 21.99 -34.87
CA LYS A 192 10.68 22.57 -35.79
C LYS A 192 9.30 21.87 -35.72
N VAL A 193 8.85 21.53 -34.49
CA VAL A 193 7.56 20.88 -34.23
C VAL A 193 6.39 21.85 -34.51
N CYS A 194 6.53 23.12 -34.08
CA CYS A 194 5.55 24.18 -34.29
C CYS A 194 5.36 24.50 -35.78
N GLU A 195 6.46 24.44 -36.57
CA GLU A 195 6.48 24.68 -38.01
C GLU A 195 5.69 23.60 -38.75
N ALA A 196 5.82 22.33 -38.31
CA ALA A 196 5.11 21.19 -38.88
C ALA A 196 3.65 21.11 -38.39
N GLY A 197 3.36 21.79 -37.28
CA GLY A 197 2.04 21.84 -36.66
C GLY A 197 1.61 20.53 -36.02
N GLY A 198 2.59 19.80 -35.49
CA GLY A 198 2.37 18.51 -34.85
C GLY A 198 3.63 17.69 -34.68
N LEU A 199 3.62 16.76 -33.70
CA LEU A 199 4.73 15.87 -33.39
C LEU A 199 4.82 14.69 -34.36
N PHE A 200 3.66 14.09 -34.72
CA PHE A 200 3.59 12.93 -35.61
C PHE A 200 3.33 13.36 -37.06
N VAL A 201 4.40 13.77 -37.77
CA VAL A 201 4.33 14.20 -39.18
C VAL A 201 5.21 13.27 -40.03
N ASN A 202 6.49 13.09 -39.64
CA ASN A 202 7.44 12.18 -40.31
C ASN A 202 7.10 10.73 -39.95
N SER A 203 6.44 10.54 -38.79
CA SER A 203 6.00 9.24 -38.28
C SER A 203 4.88 8.66 -39.15
N PRO A 204 4.90 7.34 -39.46
CA PRO A 204 3.83 6.76 -40.28
C PRO A 204 2.51 6.59 -39.52
N GLU A 205 1.40 6.40 -40.26
CA GLU A 205 0.05 6.19 -39.70
C GLU A 205 0.00 4.87 -38.91
N GLU A 206 0.65 3.83 -39.45
CA GLU A 206 0.76 2.52 -38.82
C GLU A 206 2.25 2.27 -38.54
N PRO A 207 2.78 2.76 -37.39
CA PRO A 207 4.22 2.57 -37.13
C PRO A 207 4.56 1.16 -36.66
N SER A 208 5.79 0.72 -36.97
CA SER A 208 6.31 -0.58 -36.58
C SER A 208 6.60 -0.61 -35.08
N LEU A 209 6.60 -1.80 -34.48
CA LEU A 209 6.85 -1.97 -33.06
C LEU A 209 8.36 -1.96 -32.80
N SER A 210 8.81 -1.14 -31.82
CA SER A 210 10.21 -1.01 -31.43
C SER A 210 10.73 -2.28 -30.76
N ARG A 211 12.06 -2.49 -30.76
CA ARG A 211 12.71 -3.65 -30.15
C ARG A 211 12.64 -3.64 -28.60
N MET A 212 12.38 -2.45 -28.00
CA MET A 212 12.28 -2.28 -26.54
C MET A 212 10.95 -2.78 -26.00
N VAL A 213 9.85 -2.53 -26.74
CA VAL A 213 8.48 -2.87 -26.33
C VAL A 213 7.78 -3.96 -27.13
N THR A 214 6.83 -4.66 -26.49
CA THR A 214 5.97 -5.66 -27.09
C THR A 214 4.61 -5.02 -27.34
N GLU A 215 3.71 -5.71 -28.07
CA GLU A 215 2.35 -5.20 -28.36
C GLU A 215 1.52 -5.10 -27.06
N GLU A 216 1.71 -6.06 -26.13
CA GLU A 216 1.02 -6.12 -24.83
C GLU A 216 1.36 -4.90 -23.97
N GLU A 217 2.65 -4.50 -23.94
CA GLU A 217 3.16 -3.36 -23.19
C GLU A 217 2.60 -2.04 -23.72
N ILE A 218 2.54 -1.88 -25.06
CA ILE A 218 2.00 -0.70 -25.74
C ILE A 218 0.51 -0.53 -25.40
N GLN A 219 -0.27 -1.62 -25.47
CA GLN A 219 -1.71 -1.64 -25.16
C GLN A 219 -2.03 -1.26 -23.72
N PHE A 220 -1.09 -1.52 -22.77
CA PHE A 220 -1.27 -1.15 -21.36
C PHE A 220 -1.30 0.38 -21.23
N TYR A 221 -0.37 1.09 -21.89
CA TYR A 221 -0.29 2.55 -21.90
C TYR A 221 -1.52 3.17 -22.56
N VAL A 222 -2.06 2.49 -23.59
CA VAL A 222 -3.27 2.90 -24.33
C VAL A 222 -4.47 2.91 -23.37
N GLN A 223 -4.69 1.78 -22.64
CA GLN A 223 -5.77 1.61 -21.67
C GLN A 223 -5.66 2.58 -20.50
N GLN A 224 -4.42 2.85 -20.04
CA GLN A 224 -4.15 3.78 -18.93
C GLN A 224 -4.48 5.22 -19.30
N PHE A 225 -4.18 5.62 -20.55
CA PHE A 225 -4.43 6.97 -21.06
C PHE A 225 -5.87 7.23 -21.52
N LYS A 226 -6.70 6.17 -21.55
CA LYS A 226 -8.12 6.28 -21.91
C LYS A 226 -8.93 6.86 -20.73
N LYS A 227 -8.37 6.74 -19.51
CA LYS A 227 -8.97 7.20 -18.26
C LYS A 227 -9.06 8.73 -18.13
N SER A 228 -7.96 9.46 -18.44
CA SER A 228 -7.91 10.91 -18.29
C SER A 228 -7.38 11.70 -19.49
N GLY A 229 -6.82 11.02 -20.47
CA GLY A 229 -6.28 11.65 -21.66
C GLY A 229 -4.89 12.26 -21.46
N PHE A 230 -4.63 13.37 -22.15
CA PHE A 230 -3.33 14.06 -22.11
C PHE A 230 -3.32 15.45 -21.46
N ARG A 231 -4.47 15.99 -21.01
CA ARG A 231 -4.56 17.30 -20.37
C ARG A 231 -3.68 17.42 -19.12
N GLY A 232 -3.85 16.50 -18.17
CA GLY A 232 -3.06 16.42 -16.94
C GLY A 232 -1.57 16.27 -17.22
N PRO A 233 -1.17 15.23 -17.99
CA PRO A 233 0.26 15.06 -18.33
C PRO A 233 0.92 16.28 -19.00
N LEU A 234 0.21 16.95 -19.93
CA LEU A 234 0.73 18.13 -20.64
C LEU A 234 0.82 19.38 -19.77
N ASN A 235 -0.02 19.47 -18.72
CA ASN A 235 -0.05 20.60 -17.79
C ASN A 235 1.26 20.76 -16.99
N TRP A 236 2.09 19.69 -16.92
CA TRP A 236 3.40 19.70 -16.26
C TRP A 236 4.35 20.69 -16.95
N TYR A 237 4.17 20.88 -18.28
CA TYR A 237 4.95 21.78 -19.15
C TYR A 237 4.46 23.23 -19.09
N ARG A 238 3.17 23.44 -18.76
CA ARG A 238 2.50 24.74 -18.75
C ARG A 238 2.67 25.57 -17.46
N ASN A 239 3.75 25.34 -16.70
CA ASN A 239 4.00 26.07 -15.46
C ASN A 239 5.42 26.66 -15.37
N MET A 240 6.00 27.06 -16.53
CA MET A 240 7.34 27.62 -16.65
C MET A 240 7.65 28.76 -15.68
N GLU A 241 6.82 29.83 -15.68
CA GLU A 241 6.99 31.00 -14.81
C GLU A 241 6.78 30.68 -13.34
N ARG A 242 5.80 29.81 -13.00
CA ARG A 242 5.49 29.40 -11.64
C ARG A 242 6.64 28.58 -11.04
N ASN A 243 7.20 27.65 -11.83
CA ASN A 243 8.33 26.78 -11.41
C ASN A 243 9.61 27.58 -11.24
N TRP A 244 9.81 28.61 -12.10
CA TRP A 244 10.97 29.50 -12.07
C TRP A 244 10.93 30.38 -10.81
N LYS A 245 9.75 30.97 -10.50
CA LYS A 245 9.52 31.82 -9.33
C LYS A 245 9.77 31.09 -8.01
N TRP A 246 9.27 29.84 -7.89
CA TRP A 246 9.43 29.00 -6.69
C TRP A 246 10.90 28.57 -6.53
N ALA A 247 11.56 28.19 -7.63
CA ALA A 247 12.98 27.78 -7.65
C ALA A 247 13.91 28.91 -7.23
N CYS A 248 13.55 30.17 -7.58
CA CYS A 248 14.31 31.37 -7.24
C CYS A 248 14.31 31.67 -5.73
N LYS A 249 13.35 31.09 -4.98
CA LYS A 249 13.24 31.26 -3.52
C LYS A 249 14.32 30.48 -2.77
N SER A 250 14.88 29.42 -3.39
CA SER A 250 15.95 28.61 -2.80
C SER A 250 17.29 29.33 -2.85
N LEU A 251 17.58 30.01 -4.00
CA LEU A 251 18.76 30.80 -4.36
C LEU A 251 20.04 30.67 -3.52
N GLY A 252 21.04 30.02 -4.12
CA GLY A 252 22.35 29.83 -3.50
C GLY A 252 22.53 28.56 -2.69
N ARG A 253 21.42 27.95 -2.20
CA ARG A 253 21.50 26.74 -1.40
C ARG A 253 21.89 25.50 -2.20
N LYS A 254 22.70 24.64 -1.58
CA LYS A 254 23.21 23.41 -2.18
C LYS A 254 22.45 22.17 -1.71
N ILE A 255 22.36 21.15 -2.59
CA ILE A 255 21.73 19.87 -2.25
C ILE A 255 22.83 19.08 -1.54
N LEU A 256 22.75 18.97 -0.21
CA LEU A 256 23.76 18.32 0.65
C LEU A 256 23.55 16.83 0.88
N ILE A 257 22.36 16.29 0.54
CA ILE A 257 22.03 14.88 0.69
C ILE A 257 22.71 14.04 -0.42
N PRO A 258 22.89 12.69 -0.27
CA PRO A 258 23.52 11.91 -1.36
C PRO A 258 22.72 11.97 -2.64
N ALA A 259 23.42 12.14 -3.79
CA ALA A 259 22.78 12.28 -5.10
C ALA A 259 23.42 11.47 -6.22
N LEU A 260 22.60 11.04 -7.20
CA LEU A 260 23.02 10.27 -8.37
C LEU A 260 22.51 10.94 -9.64
N MET A 261 23.40 11.18 -10.60
CA MET A 261 23.05 11.75 -11.90
C MET A 261 23.37 10.72 -12.98
N VAL A 262 22.31 10.07 -13.51
CA VAL A 262 22.44 9.06 -14.56
C VAL A 262 22.10 9.69 -15.89
N THR A 263 23.09 9.77 -16.80
CA THR A 263 22.92 10.35 -18.13
C THR A 263 22.76 9.27 -19.20
N ALA A 264 21.96 9.57 -20.24
CA ALA A 264 21.72 8.66 -21.36
C ALA A 264 22.42 9.24 -22.58
N GLU A 265 23.41 8.50 -23.12
CA GLU A 265 24.22 8.89 -24.28
C GLU A 265 23.39 9.34 -25.48
N LYS A 266 22.31 8.60 -25.80
CA LYS A 266 21.48 8.89 -26.97
C LYS A 266 20.21 9.73 -26.73
N ASP A 267 20.05 10.34 -25.54
CA ASP A 267 18.91 11.23 -25.29
C ASP A 267 19.30 12.58 -25.89
N PHE A 268 18.67 12.95 -27.02
CA PHE A 268 18.98 14.18 -27.74
C PHE A 268 18.28 15.44 -27.21
N VAL A 269 17.36 15.28 -26.25
CA VAL A 269 16.65 16.40 -25.62
C VAL A 269 17.37 16.69 -24.30
N LEU A 270 17.42 15.70 -23.39
CA LEU A 270 18.14 15.80 -22.11
C LEU A 270 19.51 15.18 -22.33
N VAL A 271 20.37 15.94 -23.03
CA VAL A 271 21.74 15.55 -23.41
C VAL A 271 22.67 15.40 -22.19
N PRO A 272 23.66 14.46 -22.21
CA PRO A 272 24.58 14.32 -21.05
C PRO A 272 25.35 15.59 -20.68
N GLN A 273 25.63 16.47 -21.67
CA GLN A 273 26.35 17.74 -21.47
C GLN A 273 25.56 18.75 -20.61
N MET A 274 24.21 18.61 -20.54
CA MET A 274 23.34 19.47 -19.73
C MET A 274 23.59 19.26 -18.23
N SER A 275 24.18 18.10 -17.86
CA SER A 275 24.50 17.75 -16.48
C SER A 275 25.86 18.28 -16.00
N GLN A 276 26.61 18.99 -16.86
CA GLN A 276 27.93 19.54 -16.51
C GLN A 276 27.87 20.57 -15.37
N HIS A 277 28.92 20.60 -14.53
CA HIS A 277 29.08 21.49 -13.38
C HIS A 277 28.00 21.35 -12.30
N MET A 278 27.32 20.19 -12.26
CA MET A 278 26.27 19.88 -11.28
C MET A 278 26.85 19.69 -9.88
N GLU A 279 28.09 19.19 -9.80
CA GLU A 279 28.82 18.95 -8.55
C GLU A 279 29.14 20.23 -7.76
N ASP A 280 29.10 21.40 -8.44
CA ASP A 280 29.32 22.72 -7.84
C ASP A 280 28.16 23.06 -6.90
N TRP A 281 26.93 22.63 -7.26
CA TRP A 281 25.70 22.85 -6.49
C TRP A 281 25.29 21.62 -5.65
N ILE A 282 25.90 20.44 -5.93
CA ILE A 282 25.65 19.19 -5.21
C ILE A 282 27.02 18.59 -4.77
N PRO A 283 27.51 18.92 -3.55
CA PRO A 283 28.84 18.42 -3.13
C PRO A 283 29.04 16.91 -3.11
N HIS A 284 28.00 16.14 -2.76
CA HIS A 284 28.10 14.67 -2.70
C HIS A 284 27.37 14.00 -3.88
N LEU A 285 27.65 14.48 -5.11
CA LEU A 285 27.06 13.96 -6.33
C LEU A 285 27.84 12.79 -6.93
N LYS A 286 27.16 11.67 -7.16
CA LYS A 286 27.70 10.46 -7.78
C LYS A 286 27.19 10.40 -9.21
N ARG A 287 27.97 9.81 -10.12
CA ARG A 287 27.57 9.77 -11.52
C ARG A 287 27.31 8.38 -12.11
N GLY A 288 26.49 8.37 -13.14
CA GLY A 288 26.11 7.21 -13.92
C GLY A 288 26.00 7.60 -15.38
N HIS A 289 26.40 6.69 -16.28
CA HIS A 289 26.33 6.94 -17.73
C HIS A 289 26.03 5.65 -18.47
N ILE A 290 24.97 5.68 -19.30
CA ILE A 290 24.57 4.51 -20.08
C ILE A 290 24.75 4.75 -21.58
N GLU A 291 25.64 3.97 -22.19
CA GLU A 291 25.95 4.02 -23.62
C GLU A 291 24.84 3.30 -24.39
N ASP A 292 24.56 3.77 -25.63
CA ASP A 292 23.52 3.23 -26.52
C ASP A 292 22.11 3.30 -25.90
N CYS A 293 21.88 4.32 -25.04
CA CYS A 293 20.63 4.51 -24.32
C CYS A 293 19.96 5.81 -24.71
N GLY A 294 18.72 5.69 -25.21
CA GLY A 294 17.91 6.83 -25.62
C GLY A 294 17.19 7.49 -24.47
N HIS A 295 16.09 8.20 -24.76
CA HIS A 295 15.30 8.90 -23.75
C HIS A 295 14.56 7.97 -22.79
N TRP A 296 14.01 6.87 -23.29
CA TRP A 296 13.26 5.89 -22.50
C TRP A 296 14.21 4.91 -21.81
N THR A 297 15.04 5.47 -20.91
CA THR A 297 16.11 4.87 -20.12
C THR A 297 15.80 3.49 -19.53
N GLN A 298 14.75 3.38 -18.70
CA GLN A 298 14.31 2.16 -18.03
C GLN A 298 13.91 1.07 -19.02
N MET A 299 13.30 1.48 -20.14
CA MET A 299 12.81 0.64 -21.24
C MET A 299 13.97 0.17 -22.12
N ASP A 300 14.86 1.11 -22.51
CA ASP A 300 16.02 0.88 -23.39
C ASP A 300 17.07 -0.04 -22.79
N LYS A 301 17.60 0.32 -21.61
CA LYS A 301 18.65 -0.47 -20.95
C LYS A 301 18.23 -0.87 -19.52
N PRO A 302 17.24 -1.79 -19.34
CA PRO A 302 16.82 -2.17 -17.98
C PRO A 302 17.91 -2.75 -17.10
N THR A 303 18.75 -3.66 -17.64
CA THR A 303 19.85 -4.32 -16.95
C THR A 303 20.88 -3.31 -16.43
N GLU A 304 21.24 -2.31 -17.26
CA GLU A 304 22.19 -1.26 -16.90
C GLU A 304 21.63 -0.33 -15.81
N VAL A 305 20.33 0.06 -15.93
CA VAL A 305 19.61 0.91 -14.97
C VAL A 305 19.61 0.24 -13.59
N ASN A 306 19.29 -1.08 -13.56
CA ASN A 306 19.24 -1.91 -12.35
C ASN A 306 20.61 -2.01 -11.67
N GLN A 307 21.68 -2.26 -12.45
CA GLN A 307 23.06 -2.38 -11.96
C GLN A 307 23.55 -1.09 -11.30
N ILE A 308 23.30 0.08 -11.94
CA ILE A 308 23.70 1.39 -11.44
C ILE A 308 22.92 1.79 -10.18
N LEU A 309 21.58 1.65 -10.20
CA LEU A 309 20.73 2.01 -9.06
C LEU A 309 21.00 1.17 -7.80
N ILE A 310 21.08 -0.17 -7.93
CA ILE A 310 21.35 -1.10 -6.82
C ILE A 310 22.71 -0.82 -6.15
N LYS A 311 23.78 -0.66 -6.96
CA LYS A 311 25.14 -0.37 -6.50
C LYS A 311 25.18 0.94 -5.69
N TRP A 312 24.49 2.00 -6.18
CA TRP A 312 24.42 3.30 -5.52
C TRP A 312 23.56 3.27 -4.26
N LEU A 313 22.40 2.57 -4.29
CA LEU A 313 21.51 2.42 -3.14
C LEU A 313 22.21 1.74 -1.97
N ASP A 314 22.98 0.67 -2.25
CA ASP A 314 23.72 -0.11 -1.25
C ASP A 314 24.88 0.66 -0.60
N SER A 315 25.48 1.62 -1.34
CA SER A 315 26.61 2.40 -0.86
C SER A 315 26.28 3.81 -0.33
N ASP A 316 25.27 4.48 -0.90
CA ASP A 316 24.92 5.85 -0.52
C ASP A 316 23.58 6.02 0.21
N ALA A 317 22.51 5.36 -0.27
CA ALA A 317 21.17 5.45 0.32
C ALA A 317 21.05 4.71 1.65
N ARG A 318 21.75 3.56 1.80
CA ARG A 318 21.73 2.74 3.01
C ARG A 318 22.78 3.21 4.01
N THR B 1 -4.16 8.85 20.43
CA THR B 1 -4.08 9.01 18.98
C THR B 1 -4.82 7.87 18.28
N SER B 2 -5.70 8.23 17.32
CA SER B 2 -6.51 7.29 16.54
C SER B 2 -6.25 7.47 15.03
N CYS B 3 -7.05 6.77 14.18
CA CYS B 3 -6.93 6.83 12.72
C CYS B 3 -8.15 7.46 12.06
N ASN B 4 -7.90 8.32 11.05
CA ASN B 4 -8.95 8.94 10.25
C ASN B 4 -8.95 8.20 8.90
N PRO B 5 -10.04 7.49 8.54
CA PRO B 5 -10.04 6.70 7.29
C PRO B 5 -9.64 7.42 5.99
N SER B 6 -9.97 8.71 5.88
CA SER B 6 -9.63 9.53 4.71
C SER B 6 -8.14 9.88 4.64
N ASP B 7 -7.45 9.88 5.81
CA ASP B 7 -6.02 10.20 5.93
C ASP B 7 -5.10 8.96 5.88
N MET B 8 -5.67 7.76 5.69
CA MET B 8 -4.90 6.51 5.64
C MET B 8 -4.55 6.09 4.21
N SER B 9 -3.47 5.29 4.07
CA SER B 9 -3.03 4.74 2.79
C SER B 9 -3.78 3.42 2.60
N HIS B 10 -4.67 3.36 1.60
CA HIS B 10 -5.48 2.16 1.33
C HIS B 10 -4.86 1.29 0.24
N GLY B 11 -4.52 0.07 0.62
CA GLY B 11 -3.92 -0.93 -0.27
C GLY B 11 -4.84 -2.05 -0.65
N TYR B 12 -4.68 -2.60 -1.88
CA TYR B 12 -5.51 -3.67 -2.43
C TYR B 12 -4.64 -4.73 -3.11
N VAL B 13 -4.76 -5.98 -2.66
CA VAL B 13 -4.01 -7.12 -3.21
C VAL B 13 -4.98 -8.21 -3.66
N THR B 14 -4.97 -8.52 -4.96
CA THR B 14 -5.82 -9.57 -5.55
C THR B 14 -5.07 -10.90 -5.34
N VAL B 15 -5.49 -11.69 -4.33
CA VAL B 15 -4.87 -12.97 -3.98
C VAL B 15 -5.38 -14.13 -4.85
N LYS B 16 -6.63 -14.02 -5.31
CA LYS B 16 -7.36 -14.96 -6.17
C LYS B 16 -8.22 -14.10 -7.10
N PRO B 17 -8.61 -14.55 -8.33
CA PRO B 17 -9.46 -13.68 -9.18
C PRO B 17 -10.75 -13.19 -8.49
N ARG B 18 -11.33 -14.04 -7.62
CA ARG B 18 -12.54 -13.74 -6.86
C ARG B 18 -12.23 -13.06 -5.52
N VAL B 19 -10.98 -13.19 -5.02
CA VAL B 19 -10.59 -12.64 -3.72
C VAL B 19 -9.57 -11.49 -3.78
N ARG B 20 -10.00 -10.30 -3.40
CA ARG B 20 -9.16 -9.11 -3.30
C ARG B 20 -9.17 -8.66 -1.84
N LEU B 21 -7.98 -8.50 -1.24
CA LEU B 21 -7.87 -8.11 0.16
C LEU B 21 -7.44 -6.65 0.35
N HIS B 22 -8.21 -5.92 1.17
CA HIS B 22 -7.97 -4.52 1.50
C HIS B 22 -7.20 -4.41 2.82
N PHE B 23 -6.34 -3.37 2.93
CA PHE B 23 -5.53 -3.10 4.11
C PHE B 23 -5.11 -1.63 4.19
N VAL B 24 -4.84 -1.14 5.41
CA VAL B 24 -4.30 0.21 5.62
C VAL B 24 -2.81 0.08 5.94
N GLU B 25 -2.01 1.07 5.55
CA GLU B 25 -0.56 1.00 5.74
C GLU B 25 0.03 2.24 6.37
N LEU B 26 0.81 2.07 7.45
CA LEU B 26 1.45 3.18 8.15
C LEU B 26 2.80 2.79 8.76
N GLY B 27 3.81 3.65 8.54
CA GLY B 27 5.14 3.48 9.08
C GLY B 27 6.12 2.72 8.23
N SER B 28 7.39 2.74 8.65
CA SER B 28 8.52 2.07 8.00
C SER B 28 9.21 1.13 9.00
N GLY B 29 9.93 0.16 8.47
CA GLY B 29 10.66 -0.83 9.26
C GLY B 29 10.13 -2.25 9.08
N PRO B 30 10.22 -3.12 10.11
CA PRO B 30 9.71 -4.50 9.95
C PRO B 30 8.20 -4.57 9.75
N ALA B 31 7.75 -5.44 8.83
CA ALA B 31 6.34 -5.62 8.48
C ALA B 31 5.56 -6.27 9.62
N VAL B 32 4.50 -5.59 10.07
CA VAL B 32 3.61 -6.05 11.14
C VAL B 32 2.19 -6.13 10.57
N CYS B 33 1.67 -7.35 10.48
CA CYS B 33 0.33 -7.62 9.95
C CYS B 33 -0.68 -7.78 11.07
N LEU B 34 -1.68 -6.88 11.11
CA LEU B 34 -2.74 -6.88 12.14
C LEU B 34 -4.00 -7.54 11.60
N CYS B 35 -4.50 -8.56 12.30
CA CYS B 35 -5.68 -9.33 11.91
C CYS B 35 -6.80 -9.25 12.94
N HIS B 36 -7.91 -8.58 12.57
CA HIS B 36 -9.08 -8.39 13.43
C HIS B 36 -9.96 -9.65 13.56
N GLY B 37 -10.90 -9.60 14.50
CA GLY B 37 -11.85 -10.68 14.76
C GLY B 37 -13.25 -10.41 14.23
N PHE B 38 -14.25 -11.08 14.84
CA PHE B 38 -15.66 -10.95 14.45
C PHE B 38 -16.48 -10.15 15.48
N PRO B 39 -17.36 -9.22 15.04
CA PRO B 39 -17.63 -8.73 13.68
C PRO B 39 -16.90 -7.39 13.52
N GLU B 40 -15.58 -7.44 13.29
CA GLU B 40 -14.75 -6.25 13.29
C GLU B 40 -14.33 -5.64 11.94
N SER B 41 -13.23 -4.85 11.95
CA SER B 41 -12.70 -4.11 10.80
C SER B 41 -11.21 -3.80 11.03
N TRP B 42 -10.53 -3.20 10.02
CA TRP B 42 -9.14 -2.74 10.15
C TRP B 42 -9.11 -1.63 11.21
N TYR B 43 -10.25 -0.91 11.33
CA TYR B 43 -10.54 0.20 12.22
C TYR B 43 -10.51 -0.19 13.70
N SER B 44 -10.58 -1.50 14.00
CA SER B 44 -10.51 -2.01 15.37
C SER B 44 -9.10 -1.83 15.96
N TRP B 45 -8.09 -1.67 15.08
CA TRP B 45 -6.70 -1.45 15.44
C TRP B 45 -6.33 0.05 15.43
N ARG B 46 -7.33 0.95 15.28
CA ARG B 46 -7.17 2.42 15.21
C ARG B 46 -6.18 3.07 16.20
N TYR B 47 -6.06 2.50 17.41
CA TYR B 47 -5.13 3.02 18.42
C TYR B 47 -3.76 2.38 18.31
N GLN B 48 -3.68 1.14 17.81
CA GLN B 48 -2.44 0.38 17.63
C GLN B 48 -1.65 0.85 16.41
N ILE B 49 -2.35 1.15 15.28
CA ILE B 49 -1.75 1.60 14.02
C ILE B 49 -0.76 2.78 14.20
N PRO B 50 -1.13 3.96 14.78
CA PRO B 50 -0.14 5.03 14.94
C PRO B 50 0.94 4.75 15.98
N ALA B 51 0.61 3.97 17.04
CA ALA B 51 1.54 3.63 18.10
C ALA B 51 2.66 2.69 17.65
N LEU B 52 2.32 1.65 16.86
CA LEU B 52 3.29 0.68 16.33
C LEU B 52 4.16 1.31 15.24
N ALA B 53 3.58 2.24 14.44
CA ALA B 53 4.30 2.95 13.38
C ALA B 53 5.30 3.95 13.98
N GLN B 54 4.91 4.61 15.10
CA GLN B 54 5.72 5.57 15.84
C GLN B 54 6.90 4.82 16.50
N ALA B 55 6.65 3.57 16.96
CA ALA B 55 7.63 2.68 17.59
C ALA B 55 8.74 2.25 16.62
N GLY B 56 8.44 2.27 15.32
CA GLY B 56 9.38 1.92 14.27
C GLY B 56 9.02 0.66 13.50
N TYR B 57 7.74 0.51 13.13
CA TYR B 57 7.25 -0.67 12.41
C TYR B 57 6.35 -0.33 11.24
N ARG B 58 6.41 -1.17 10.17
CA ARG B 58 5.57 -1.01 8.99
C ARG B 58 4.26 -1.75 9.30
N VAL B 59 3.20 -0.99 9.59
CA VAL B 59 1.89 -1.51 9.98
C VAL B 59 1.01 -1.82 8.76
N LEU B 60 0.49 -3.06 8.70
CA LEU B 60 -0.42 -3.53 7.66
C LEU B 60 -1.68 -4.05 8.33
N ALA B 61 -2.62 -3.13 8.65
CA ALA B 61 -3.87 -3.51 9.31
C ALA B 61 -4.88 -4.02 8.29
N MET B 62 -5.14 -5.33 8.37
CA MET B 62 -6.01 -6.05 7.45
C MET B 62 -7.49 -5.84 7.65
N ASP B 63 -8.22 -5.96 6.54
CA ASP B 63 -9.66 -6.03 6.47
C ASP B 63 -9.79 -7.49 6.03
N MET B 64 -10.06 -8.39 7.00
CA MET B 64 -10.14 -9.84 6.76
C MET B 64 -11.16 -10.22 5.68
N LYS B 65 -11.02 -11.44 5.11
CA LYS B 65 -11.93 -11.93 4.06
C LYS B 65 -13.38 -11.88 4.54
N GLY B 66 -14.23 -11.21 3.75
CA GLY B 66 -15.64 -11.01 4.05
C GLY B 66 -15.95 -9.71 4.77
N TYR B 67 -14.92 -8.90 5.07
CA TYR B 67 -15.06 -7.64 5.80
C TYR B 67 -14.71 -6.41 4.99
N GLY B 68 -15.52 -5.36 5.17
CA GLY B 68 -15.36 -4.04 4.55
C GLY B 68 -15.10 -4.02 3.05
N GLU B 69 -13.95 -3.47 2.66
CA GLU B 69 -13.53 -3.32 1.27
C GLU B 69 -12.93 -4.59 0.66
N SER B 70 -12.69 -5.63 1.50
CA SER B 70 -12.16 -6.92 1.03
C SER B 70 -13.30 -7.74 0.44
N SER B 71 -12.98 -8.63 -0.53
CA SER B 71 -13.94 -9.49 -1.22
C SER B 71 -14.70 -10.39 -0.26
N ALA B 72 -15.99 -10.63 -0.56
CA ALA B 72 -16.86 -11.46 0.26
C ALA B 72 -17.65 -12.51 -0.54
N PRO B 73 -17.01 -13.63 -0.98
CA PRO B 73 -17.76 -14.66 -1.72
C PRO B 73 -18.81 -15.33 -0.82
N PRO B 74 -19.99 -15.74 -1.36
CA PRO B 74 -21.02 -16.32 -0.48
C PRO B 74 -20.73 -17.73 0.06
N GLU B 75 -19.86 -18.50 -0.62
CA GLU B 75 -19.51 -19.89 -0.27
C GLU B 75 -18.87 -20.03 1.12
N ILE B 76 -19.34 -21.03 1.88
CA ILE B 76 -18.87 -21.36 3.23
C ILE B 76 -17.42 -21.89 3.20
N GLU B 77 -17.10 -22.75 2.20
CA GLU B 77 -15.79 -23.38 1.97
C GLU B 77 -14.66 -22.34 1.84
N GLU B 78 -14.99 -21.13 1.36
CA GLU B 78 -14.06 -20.02 1.16
C GLU B 78 -13.59 -19.39 2.48
N TYR B 79 -14.20 -19.78 3.61
CA TYR B 79 -13.89 -19.23 4.93
C TYR B 79 -13.28 -20.23 5.93
N CYS B 80 -12.71 -21.33 5.43
CA CYS B 80 -12.02 -22.31 6.27
C CYS B 80 -10.59 -21.83 6.48
N MET B 81 -9.96 -22.23 7.60
CA MET B 81 -8.60 -21.85 7.97
C MET B 81 -7.53 -22.16 6.92
N GLU B 82 -7.69 -23.28 6.19
CA GLU B 82 -6.77 -23.72 5.14
C GLU B 82 -6.68 -22.71 3.99
N VAL B 83 -7.84 -22.27 3.44
CA VAL B 83 -7.85 -21.28 2.36
C VAL B 83 -7.55 -19.87 2.83
N LEU B 84 -7.96 -19.52 4.08
CA LEU B 84 -7.73 -18.22 4.69
C LEU B 84 -6.24 -17.96 4.92
N CYS B 85 -5.50 -19.00 5.37
CA CYS B 85 -4.06 -18.93 5.60
C CYS B 85 -3.30 -18.87 4.27
N LYS B 86 -3.75 -19.65 3.26
CA LYS B 86 -3.18 -19.71 1.90
C LYS B 86 -3.17 -18.33 1.25
N GLU B 87 -4.30 -17.60 1.36
CA GLU B 87 -4.49 -16.25 0.82
C GLU B 87 -3.56 -15.24 1.47
N MET B 88 -3.35 -15.37 2.81
CA MET B 88 -2.46 -14.49 3.57
C MET B 88 -0.99 -14.67 3.18
N VAL B 89 -0.62 -15.88 2.72
CA VAL B 89 0.72 -16.22 2.23
C VAL B 89 0.89 -15.59 0.84
N THR B 90 -0.16 -15.68 -0.01
CA THR B 90 -0.22 -15.11 -1.36
C THR B 90 -0.14 -13.59 -1.25
N PHE B 91 -0.77 -13.01 -0.20
CA PHE B 91 -0.78 -11.59 0.12
C PHE B 91 0.66 -11.10 0.35
N LEU B 92 1.48 -11.90 1.08
CA LEU B 92 2.89 -11.61 1.36
C LEU B 92 3.73 -11.72 0.10
N ASP B 93 3.45 -12.74 -0.74
CA ASP B 93 4.14 -12.99 -2.02
C ASP B 93 3.96 -11.84 -3.00
N LYS B 94 2.72 -11.36 -3.18
CA LYS B 94 2.39 -10.26 -4.10
C LYS B 94 2.88 -8.89 -3.62
N LEU B 95 3.19 -8.77 -2.32
CA LEU B 95 3.72 -7.54 -1.73
C LEU B 95 5.26 -7.58 -1.61
N GLY B 96 5.85 -8.73 -1.98
CA GLY B 96 7.29 -8.95 -1.94
C GLY B 96 7.84 -9.08 -0.54
N LEU B 97 7.01 -9.54 0.40
CA LEU B 97 7.39 -9.73 1.80
C LEU B 97 7.70 -11.21 2.06
N SER B 98 8.94 -11.50 2.45
CA SER B 98 9.38 -12.87 2.76
C SER B 98 8.86 -13.29 4.13
N GLN B 99 8.89 -12.36 5.10
CA GLN B 99 8.41 -12.56 6.47
C GLN B 99 7.64 -11.34 6.97
N ALA B 100 6.77 -11.54 7.98
CA ALA B 100 5.99 -10.51 8.64
C ALA B 100 5.59 -10.95 10.04
N VAL B 101 5.50 -10.01 10.98
CA VAL B 101 5.06 -10.29 12.34
C VAL B 101 3.53 -10.29 12.30
N PHE B 102 2.91 -11.43 12.66
CA PHE B 102 1.46 -11.58 12.64
C PHE B 102 0.82 -11.40 14.02
N ILE B 103 0.00 -10.34 14.17
CA ILE B 103 -0.73 -10.03 15.40
C ILE B 103 -2.23 -10.18 15.12
N GLY B 104 -2.88 -11.03 15.90
CA GLY B 104 -4.30 -11.29 15.73
C GLY B 104 -5.15 -11.15 16.98
N HIS B 105 -6.45 -10.91 16.78
CA HIS B 105 -7.46 -10.80 17.83
C HIS B 105 -8.68 -11.60 17.41
N ASP B 106 -9.26 -12.36 18.36
CA ASP B 106 -10.45 -13.20 18.17
C ASP B 106 -10.25 -14.22 17.01
N TRP B 107 -11.03 -14.12 15.90
CA TRP B 107 -10.86 -15.00 14.74
C TRP B 107 -9.53 -14.76 14.04
N GLY B 108 -9.05 -13.53 14.10
CA GLY B 108 -7.75 -13.13 13.55
C GLY B 108 -6.62 -13.77 14.33
N GLY B 109 -6.84 -13.94 15.64
CA GLY B 109 -5.94 -14.59 16.57
C GLY B 109 -5.79 -16.07 16.25
N MET B 110 -6.89 -16.71 15.86
CA MET B 110 -6.90 -18.13 15.46
C MET B 110 -6.13 -18.29 14.14
N LEU B 111 -6.30 -17.34 13.21
CA LEU B 111 -5.61 -17.32 11.91
C LEU B 111 -4.09 -17.21 12.11
N VAL B 112 -3.63 -16.27 12.98
CA VAL B 112 -2.21 -16.06 13.26
C VAL B 112 -1.49 -17.28 13.88
N TRP B 113 -2.22 -18.08 14.68
CA TRP B 113 -1.66 -19.32 15.27
C TRP B 113 -1.44 -20.36 14.19
N TYR B 114 -2.41 -20.52 13.26
CA TYR B 114 -2.29 -21.46 12.15
C TYR B 114 -1.32 -21.00 11.07
N MET B 115 -1.09 -19.67 10.98
CA MET B 115 -0.11 -19.07 10.08
C MET B 115 1.29 -19.40 10.61
N ALA B 116 1.45 -19.37 11.95
CA ALA B 116 2.71 -19.69 12.62
C ALA B 116 2.96 -21.20 12.60
N LEU B 117 1.89 -22.00 12.68
CA LEU B 117 1.94 -23.47 12.69
C LEU B 117 2.32 -24.04 11.32
N PHE B 118 1.55 -23.70 10.28
CA PHE B 118 1.70 -24.20 8.92
C PHE B 118 2.70 -23.46 8.05
N TYR B 119 2.91 -22.15 8.31
CA TYR B 119 3.86 -21.35 7.53
C TYR B 119 4.86 -20.62 8.46
N PRO B 120 5.74 -21.34 9.23
CA PRO B 120 6.69 -20.63 10.10
C PRO B 120 7.75 -19.83 9.35
N GLU B 121 8.03 -20.21 8.08
CA GLU B 121 9.00 -19.53 7.21
C GLU B 121 8.54 -18.13 6.76
N ARG B 122 7.22 -17.85 6.87
CA ARG B 122 6.63 -16.57 6.47
C ARG B 122 6.21 -15.69 7.65
N VAL B 123 6.24 -16.24 8.87
CA VAL B 123 5.87 -15.52 10.09
C VAL B 123 7.12 -15.35 10.96
N ARG B 124 7.60 -14.09 11.08
CA ARG B 124 8.79 -13.73 11.88
C ARG B 124 8.52 -13.97 13.38
N ALA B 125 7.34 -13.52 13.85
CA ALA B 125 6.88 -13.65 15.24
C ALA B 125 5.35 -13.60 15.29
N VAL B 126 4.75 -14.25 16.31
CA VAL B 126 3.29 -14.33 16.46
C VAL B 126 2.78 -13.79 17.80
N ALA B 127 1.73 -12.96 17.75
CA ALA B 127 1.08 -12.39 18.94
C ALA B 127 -0.43 -12.55 18.82
N SER B 128 -1.08 -12.98 19.90
CA SER B 128 -2.52 -13.17 19.91
C SER B 128 -3.19 -12.53 21.12
N LEU B 129 -4.30 -11.83 20.87
CA LEU B 129 -5.10 -11.20 21.90
C LEU B 129 -6.34 -12.08 22.12
N ASN B 130 -6.55 -12.51 23.38
CA ASN B 130 -7.67 -13.33 23.86
C ASN B 130 -7.71 -14.78 23.36
N THR B 131 -7.47 -15.01 22.06
CA THR B 131 -7.51 -16.34 21.46
C THR B 131 -6.30 -17.21 21.82
N PRO B 132 -6.50 -18.34 22.53
CA PRO B 132 -5.38 -19.22 22.86
C PRO B 132 -5.09 -20.22 21.73
N PHE B 133 -3.98 -20.97 21.86
CA PHE B 133 -3.65 -22.01 20.88
C PHE B 133 -3.85 -23.38 21.52
N ILE B 134 -4.84 -24.13 21.01
CA ILE B 134 -5.17 -25.48 21.49
C ILE B 134 -4.98 -26.45 20.32
N PRO B 135 -4.01 -27.41 20.42
CA PRO B 135 -3.84 -28.38 19.32
C PRO B 135 -5.04 -29.32 19.24
N ALA B 136 -5.58 -29.51 18.01
CA ALA B 136 -6.75 -30.35 17.76
C ALA B 136 -6.54 -31.80 18.16
N ASN B 137 -7.54 -32.38 18.85
CA ASN B 137 -7.52 -33.77 19.30
C ASN B 137 -8.15 -34.66 18.22
N PRO B 138 -7.41 -35.68 17.70
CA PRO B 138 -7.99 -36.53 16.65
C PRO B 138 -9.09 -37.49 17.14
N ASN B 139 -9.11 -37.77 18.45
CA ASN B 139 -10.08 -38.65 19.11
C ASN B 139 -11.34 -37.91 19.57
N MET B 140 -11.37 -36.57 19.39
CA MET B 140 -12.49 -35.71 19.78
C MET B 140 -13.10 -34.98 18.58
N SER B 141 -14.43 -34.94 18.52
CA SER B 141 -15.19 -34.27 17.45
C SER B 141 -15.31 -32.76 17.69
N PRO B 142 -15.28 -31.91 16.63
CA PRO B 142 -15.38 -30.45 16.84
C PRO B 142 -16.77 -29.96 17.27
N LEU B 143 -17.84 -30.71 16.94
CA LEU B 143 -19.22 -30.37 17.28
C LEU B 143 -19.51 -30.54 18.78
N GLU B 144 -19.08 -31.67 19.37
CA GLU B 144 -19.29 -31.98 20.79
C GLU B 144 -18.46 -31.12 21.75
N SER B 145 -17.33 -30.56 21.26
CA SER B 145 -16.42 -29.70 22.03
C SER B 145 -17.10 -28.36 22.35
N ILE B 146 -17.86 -27.80 21.39
CA ILE B 146 -18.62 -26.56 21.52
C ILE B 146 -19.84 -26.80 22.45
N LYS B 147 -20.43 -28.00 22.36
CA LYS B 147 -21.57 -28.43 23.18
C LYS B 147 -21.17 -28.66 24.65
N ALA B 148 -19.88 -29.02 24.90
CA ALA B 148 -19.34 -29.29 26.23
C ALA B 148 -19.35 -28.05 27.15
N ASN B 149 -18.85 -26.91 26.64
CA ASN B 149 -18.80 -25.64 27.39
C ASN B 149 -20.05 -24.82 27.06
N PRO B 150 -20.87 -24.41 28.07
CA PRO B 150 -22.10 -23.65 27.77
C PRO B 150 -21.91 -22.24 27.21
N VAL B 151 -20.71 -21.64 27.39
CA VAL B 151 -20.39 -20.29 26.91
C VAL B 151 -20.36 -20.15 25.37
N PHE B 152 -20.16 -21.28 24.64
CA PHE B 152 -20.11 -21.31 23.18
C PHE B 152 -21.46 -21.72 22.55
N ASP B 153 -22.56 -21.23 23.14
CA ASP B 153 -23.94 -21.50 22.69
C ASP B 153 -24.25 -20.79 21.37
N TYR B 154 -23.86 -19.51 21.25
CA TYR B 154 -24.02 -18.65 20.07
C TYR B 154 -23.38 -19.23 18.80
N GLN B 155 -22.32 -20.07 18.98
CA GLN B 155 -21.59 -20.74 17.89
C GLN B 155 -22.51 -21.68 17.10
N LEU B 156 -23.40 -22.40 17.79
CA LEU B 156 -24.38 -23.30 17.18
C LEU B 156 -25.50 -22.51 16.49
N TYR B 157 -25.83 -21.31 17.05
CA TYR B 157 -26.82 -20.38 16.53
C TYR B 157 -26.27 -19.74 15.23
N PHE B 158 -24.94 -19.59 15.14
CA PHE B 158 -24.22 -19.02 14.00
C PHE B 158 -24.06 -20.01 12.83
N GLN B 159 -24.29 -21.31 13.07
CA GLN B 159 -24.16 -22.39 12.07
C GLN B 159 -25.12 -22.30 10.89
N GLU B 160 -26.44 -22.21 11.17
CA GLU B 160 -27.51 -22.14 10.15
C GLU B 160 -27.44 -20.83 9.35
N PRO B 161 -27.16 -20.87 8.02
CA PRO B 161 -27.06 -19.61 7.26
C PRO B 161 -28.38 -18.87 7.10
N GLY B 162 -28.35 -17.57 7.38
CA GLY B 162 -29.51 -16.68 7.31
C GLY B 162 -30.09 -16.29 8.65
N VAL B 163 -30.04 -17.22 9.63
CA VAL B 163 -30.58 -17.05 10.98
C VAL B 163 -29.89 -15.92 11.76
N ALA B 164 -28.55 -15.95 11.86
CA ALA B 164 -27.82 -14.88 12.55
C ALA B 164 -27.69 -13.63 11.67
N GLU B 165 -27.63 -13.82 10.33
CA GLU B 165 -27.52 -12.76 9.32
C GLU B 165 -28.64 -11.73 9.41
N ALA B 166 -29.91 -12.19 9.49
CA ALA B 166 -31.09 -11.33 9.58
C ALA B 166 -31.17 -10.53 10.89
N GLU B 167 -30.70 -11.10 12.01
CA GLU B 167 -30.70 -10.43 13.31
C GLU B 167 -29.62 -9.34 13.36
N LEU B 168 -28.39 -9.66 12.91
CA LEU B 168 -27.24 -8.75 12.90
C LEU B 168 -27.38 -7.61 11.87
N GLU B 169 -28.04 -7.88 10.72
CA GLU B 169 -28.26 -6.90 9.65
C GLU B 169 -29.51 -6.03 9.85
N GLN B 170 -30.47 -6.49 10.70
CA GLN B 170 -31.75 -5.82 11.02
C GLN B 170 -31.56 -4.32 11.35
N ASN B 171 -30.65 -4.02 12.28
CA ASN B 171 -30.31 -2.67 12.72
C ASN B 171 -28.83 -2.68 13.08
N LEU B 172 -27.99 -2.21 12.14
CA LEU B 172 -26.53 -2.16 12.28
C LEU B 172 -26.10 -1.28 13.46
N SER B 173 -26.78 -0.14 13.64
CA SER B 173 -26.52 0.80 14.74
C SER B 173 -26.73 0.12 16.10
N ARG B 174 -27.83 -0.67 16.23
CA ARG B 174 -28.16 -1.42 17.44
C ARG B 174 -27.18 -2.58 17.64
N THR B 175 -26.77 -3.25 16.54
CA THR B 175 -25.83 -4.37 16.52
C THR B 175 -24.48 -4.05 17.16
N PHE B 176 -23.79 -3.00 16.66
CA PHE B 176 -22.48 -2.60 17.16
C PHE B 176 -22.51 -1.93 18.53
N LYS B 177 -23.60 -1.20 18.86
CA LYS B 177 -23.77 -0.55 20.16
C LYS B 177 -23.95 -1.57 21.28
N SER B 178 -24.62 -2.70 20.99
CA SER B 178 -24.86 -3.79 21.94
C SER B 178 -23.61 -4.66 22.10
N LEU B 179 -22.85 -4.85 21.00
CA LEU B 179 -21.63 -5.67 20.99
C LEU B 179 -20.42 -4.96 21.57
N PHE B 180 -20.04 -3.79 21.03
CA PHE B 180 -18.86 -3.05 21.48
C PHE B 180 -19.09 -2.32 22.80
N ARG B 181 -19.03 -3.08 23.91
CA ARG B 181 -19.22 -2.59 25.28
C ARG B 181 -18.19 -3.21 26.21
N ALA B 182 -17.90 -2.51 27.33
CA ALA B 182 -17.03 -3.02 28.38
C ALA B 182 -17.86 -4.07 29.15
N SER B 183 -17.20 -5.06 29.77
CA SER B 183 -17.87 -6.14 30.51
C SER B 183 -18.90 -5.71 31.56
N ASP B 184 -18.66 -4.57 32.24
CA ASP B 184 -19.57 -4.02 33.25
C ASP B 184 -20.80 -3.36 32.61
N GLU B 185 -20.68 -2.93 31.34
CA GLU B 185 -21.74 -2.28 30.56
C GLU B 185 -22.53 -3.30 29.71
N SER B 186 -21.94 -4.49 29.49
CA SER B 186 -22.51 -5.57 28.69
C SER B 186 -23.78 -6.18 29.29
N VAL B 187 -24.72 -6.56 28.42
CA VAL B 187 -26.01 -7.19 28.78
C VAL B 187 -26.22 -8.52 28.04
N LEU B 188 -25.30 -8.83 27.10
CA LEU B 188 -25.33 -10.05 26.27
C LEU B 188 -25.09 -11.31 27.10
N SER B 189 -26.00 -12.29 26.97
CA SER B 189 -25.93 -13.58 27.65
C SER B 189 -25.44 -14.64 26.66
N MET B 190 -24.13 -14.90 26.66
CA MET B 190 -23.47 -15.86 25.77
C MET B 190 -23.77 -17.32 26.13
N HIS B 191 -24.14 -17.61 27.41
CA HIS B 191 -24.45 -18.95 27.92
C HIS B 191 -25.67 -19.62 27.26
N LYS B 192 -26.71 -18.82 26.93
CA LYS B 192 -27.93 -19.29 26.29
C LYS B 192 -28.33 -18.32 25.18
N VAL B 193 -28.25 -18.78 23.92
CA VAL B 193 -28.56 -17.97 22.72
C VAL B 193 -29.63 -18.65 21.85
N CYS B 194 -29.46 -19.96 21.54
CA CYS B 194 -30.36 -20.77 20.71
C CYS B 194 -31.80 -20.81 21.26
N GLU B 195 -31.95 -20.95 22.59
CA GLU B 195 -33.25 -20.99 23.27
C GLU B 195 -33.90 -19.60 23.31
N ALA B 196 -33.09 -18.55 23.50
CA ALA B 196 -33.52 -17.15 23.57
C ALA B 196 -34.08 -16.64 22.25
N GLY B 197 -33.55 -17.14 21.13
CA GLY B 197 -33.97 -16.76 19.79
C GLY B 197 -32.92 -16.02 18.99
N GLY B 198 -32.09 -15.27 19.70
CA GLY B 198 -31.01 -14.47 19.12
C GLY B 198 -29.97 -14.02 20.12
N LEU B 199 -29.04 -13.15 19.67
CA LEU B 199 -27.96 -12.61 20.49
C LEU B 199 -28.38 -11.36 21.26
N PHE B 200 -29.10 -10.42 20.59
CA PHE B 200 -29.56 -9.17 21.19
C PHE B 200 -30.96 -9.31 21.81
N VAL B 201 -31.21 -10.45 22.47
CA VAL B 201 -32.47 -10.79 23.13
C VAL B 201 -32.71 -9.92 24.38
N ASN B 202 -31.72 -9.84 25.28
CA ASN B 202 -31.79 -9.02 26.51
C ASN B 202 -31.38 -7.55 26.29
N SER B 203 -30.87 -7.23 25.09
CA SER B 203 -30.45 -5.87 24.71
C SER B 203 -31.66 -4.97 24.38
N PRO B 204 -31.64 -3.66 24.75
CA PRO B 204 -32.78 -2.79 24.42
C PRO B 204 -32.81 -2.39 22.94
N GLU B 205 -33.95 -1.85 22.47
CA GLU B 205 -34.14 -1.40 21.09
C GLU B 205 -33.23 -0.23 20.72
N GLU B 206 -32.99 0.68 21.69
CA GLU B 206 -32.11 1.83 21.55
C GLU B 206 -31.06 1.79 22.68
N PRO B 207 -29.97 0.99 22.52
CA PRO B 207 -28.97 0.91 23.61
C PRO B 207 -28.10 2.15 23.74
N SER B 208 -27.62 2.42 24.97
CA SER B 208 -26.75 3.56 25.27
C SER B 208 -25.35 3.34 24.69
N LEU B 209 -24.67 4.45 24.34
CA LEU B 209 -23.32 4.41 23.80
C LEU B 209 -22.31 4.08 24.90
N SER B 210 -21.46 3.06 24.68
CA SER B 210 -20.42 2.62 25.61
C SER B 210 -19.32 3.67 25.77
N ARG B 211 -18.58 3.63 26.90
CA ARG B 211 -17.50 4.56 27.18
C ARG B 211 -16.27 4.40 26.26
N MET B 212 -16.05 3.20 25.71
CA MET B 212 -14.91 2.91 24.82
C MET B 212 -15.06 3.50 23.43
N VAL B 213 -16.31 3.53 22.90
CA VAL B 213 -16.60 4.01 21.55
C VAL B 213 -17.47 5.28 21.48
N THR B 214 -17.28 6.08 20.41
CA THR B 214 -18.06 7.29 20.16
C THR B 214 -19.14 6.97 19.10
N GLU B 215 -20.05 7.93 18.80
CA GLU B 215 -21.10 7.77 17.80
C GLU B 215 -20.48 7.69 16.39
N GLU B 216 -19.42 8.49 16.14
CA GLU B 216 -18.68 8.55 14.88
C GLU B 216 -18.01 7.20 14.58
N GLU B 217 -17.42 6.56 15.61
CA GLU B 217 -16.76 5.26 15.51
C GLU B 217 -17.76 4.14 15.19
N ILE B 218 -18.91 4.11 15.89
CA ILE B 218 -19.99 3.13 15.69
C ILE B 218 -20.52 3.19 14.26
N GLN B 219 -20.78 4.42 13.75
CA GLN B 219 -21.28 4.66 12.40
C GLN B 219 -20.32 4.22 11.29
N PHE B 220 -18.99 4.13 11.57
CA PHE B 220 -18.02 3.64 10.60
C PHE B 220 -18.21 2.14 10.39
N TYR B 221 -18.45 1.38 11.48
CA TYR B 221 -18.71 -0.06 11.44
C TYR B 221 -20.02 -0.32 10.69
N VAL B 222 -21.02 0.58 10.86
CA VAL B 222 -22.33 0.55 10.22
C VAL B 222 -22.17 0.66 8.69
N GLN B 223 -21.43 1.69 8.23
CA GLN B 223 -21.16 1.95 6.80
C GLN B 223 -20.37 0.84 6.12
N GLN B 224 -19.37 0.26 6.83
CA GLN B 224 -18.53 -0.82 6.32
C GLN B 224 -19.30 -2.11 6.11
N PHE B 225 -20.18 -2.45 7.08
CA PHE B 225 -21.01 -3.66 7.03
C PHE B 225 -22.21 -3.58 6.07
N LYS B 226 -22.42 -2.41 5.43
CA LYS B 226 -23.49 -2.18 4.45
C LYS B 226 -23.08 -2.76 3.08
N LYS B 227 -21.76 -2.88 2.84
CA LYS B 227 -21.17 -3.37 1.59
C LYS B 227 -21.48 -4.83 1.29
N SER B 228 -21.18 -5.74 2.23
CA SER B 228 -21.38 -7.18 2.04
C SER B 228 -22.35 -7.85 3.02
N GLY B 229 -22.51 -7.26 4.20
CA GLY B 229 -23.39 -7.78 5.23
C GLY B 229 -22.66 -8.65 6.25
N PHE B 230 -23.38 -9.65 6.80
CA PHE B 230 -22.86 -10.55 7.82
C PHE B 230 -22.59 -11.99 7.37
N ARG B 231 -22.98 -12.39 6.13
CA ARG B 231 -22.77 -13.75 5.61
C ARG B 231 -21.29 -14.17 5.64
N GLY B 232 -20.42 -13.40 4.99
CA GLY B 232 -18.98 -13.63 4.96
C GLY B 232 -18.38 -13.73 6.36
N PRO B 233 -18.55 -12.70 7.23
CA PRO B 233 -18.04 -12.78 8.61
C PRO B 233 -18.49 -14.02 9.41
N LEU B 234 -19.78 -14.40 9.29
CA LEU B 234 -20.35 -15.56 10.00
C LEU B 234 -19.85 -16.90 9.46
N ASN B 235 -19.43 -16.95 8.18
CA ASN B 235 -18.91 -18.16 7.52
C ASN B 235 -17.62 -18.69 8.14
N TRP B 236 -16.89 -17.84 8.92
CA TRP B 236 -15.67 -18.20 9.64
C TRP B 236 -15.96 -19.29 10.69
N TYR B 237 -17.18 -19.26 11.27
CA TYR B 237 -17.71 -20.19 12.28
C TYR B 237 -18.23 -21.50 11.65
N ARG B 238 -18.60 -21.45 10.36
CA ARG B 238 -19.21 -22.56 9.62
C ARG B 238 -18.22 -23.57 8.98
N ASN B 239 -16.98 -23.64 9.47
CA ASN B 239 -15.97 -24.55 8.93
C ASN B 239 -15.30 -25.43 10.00
N MET B 240 -16.03 -25.73 11.10
CA MET B 240 -15.55 -26.55 12.23
C MET B 240 -15.01 -27.93 11.83
N GLU B 241 -15.68 -28.60 10.87
CA GLU B 241 -15.24 -29.91 10.38
C GLU B 241 -13.98 -29.83 9.53
N ARG B 242 -13.89 -28.81 8.63
CA ARG B 242 -12.75 -28.58 7.76
C ARG B 242 -11.51 -28.14 8.56
N ASN B 243 -11.68 -27.20 9.51
CA ASN B 243 -10.61 -26.66 10.37
C ASN B 243 -9.99 -27.74 11.26
N TRP B 244 -10.83 -28.65 11.80
CA TRP B 244 -10.40 -29.77 12.66
C TRP B 244 -9.55 -30.77 11.87
N LYS B 245 -10.01 -31.16 10.65
CA LYS B 245 -9.32 -32.09 9.75
C LYS B 245 -7.96 -31.56 9.28
N TRP B 246 -7.88 -30.24 9.02
CA TRP B 246 -6.65 -29.58 8.58
C TRP B 246 -5.64 -29.46 9.74
N ALA B 247 -6.13 -29.14 10.95
CA ALA B 247 -5.30 -29.00 12.16
C ALA B 247 -4.70 -30.32 12.63
N CYS B 248 -5.42 -31.44 12.39
CA CYS B 248 -4.98 -32.80 12.75
C CYS B 248 -3.81 -33.29 11.87
N LYS B 249 -3.59 -32.62 10.72
CA LYS B 249 -2.50 -32.94 9.78
C LYS B 249 -1.15 -32.46 10.31
N SER B 250 -1.15 -31.44 11.20
CA SER B 250 0.07 -30.87 11.79
C SER B 250 0.58 -31.73 12.94
N LEU B 251 -0.35 -32.23 13.80
CA LEU B 251 -0.16 -33.08 14.99
C LEU B 251 1.27 -33.59 15.21
N GLY B 252 1.94 -33.03 16.21
CA GLY B 252 3.31 -33.37 16.56
C GLY B 252 4.25 -32.18 16.43
N ARG B 253 4.08 -31.38 15.35
CA ARG B 253 4.88 -30.19 15.11
C ARG B 253 4.47 -29.05 16.05
N LYS B 254 5.43 -28.18 16.39
CA LYS B 254 5.23 -27.08 17.33
C LYS B 254 5.47 -25.70 16.68
N ILE B 255 5.04 -24.64 17.38
CA ILE B 255 5.27 -23.25 16.96
C ILE B 255 6.56 -22.85 17.66
N LEU B 256 7.68 -22.93 16.93
CA LEU B 256 9.03 -22.66 17.45
C LEU B 256 9.46 -21.19 17.38
N ILE B 257 8.72 -20.37 16.60
CA ILE B 257 8.98 -18.94 16.43
C ILE B 257 8.58 -18.14 17.70
N PRO B 258 9.13 -16.91 17.96
CA PRO B 258 8.74 -16.17 19.18
C PRO B 258 7.25 -15.86 19.22
N ALA B 259 6.59 -16.25 20.32
CA ALA B 259 5.16 -16.07 20.51
C ALA B 259 4.80 -15.21 21.72
N LEU B 260 3.61 -14.57 21.67
CA LEU B 260 3.07 -13.73 22.72
C LEU B 260 1.59 -14.03 22.88
N MET B 261 1.19 -14.40 24.11
CA MET B 261 -0.20 -14.70 24.43
C MET B 261 -0.73 -13.63 25.40
N VAL B 262 -1.65 -12.79 24.90
CA VAL B 262 -2.24 -11.71 25.68
C VAL B 262 -3.66 -12.10 26.09
N THR B 263 -3.90 -12.19 27.40
CA THR B 263 -5.19 -12.56 27.97
C THR B 263 -5.95 -11.36 28.52
N ALA B 264 -7.27 -11.37 28.34
CA ALA B 264 -8.18 -10.33 28.82
C ALA B 264 -8.95 -10.88 30.02
N GLU B 265 -8.77 -10.23 31.19
CA GLU B 265 -9.38 -10.60 32.48
C GLU B 265 -10.91 -10.71 32.42
N LYS B 266 -11.56 -9.77 31.71
CA LYS B 266 -13.02 -9.72 31.62
C LYS B 266 -13.66 -10.39 30.39
N ASP B 267 -12.87 -11.11 29.58
CA ASP B 267 -13.42 -11.85 28.43
C ASP B 267 -13.98 -13.16 28.99
N PHE B 268 -15.31 -13.29 28.99
CA PHE B 268 -16.01 -14.46 29.54
C PHE B 268 -16.14 -15.64 28.59
N VAL B 269 -15.88 -15.42 27.28
CA VAL B 269 -15.91 -16.48 26.26
C VAL B 269 -14.48 -17.02 26.12
N LEU B 270 -13.51 -16.15 25.73
CA LEU B 270 -12.11 -16.51 25.59
C LEU B 270 -11.42 -16.16 26.92
N VAL B 271 -11.74 -16.94 27.96
CA VAL B 271 -11.25 -16.80 29.33
C VAL B 271 -9.72 -16.97 29.46
N PRO B 272 -9.04 -16.25 30.39
CA PRO B 272 -7.57 -16.41 30.52
C PRO B 272 -7.14 -17.83 30.89
N GLN B 273 -8.05 -18.61 31.55
CA GLN B 273 -7.82 -20.00 31.96
C GLN B 273 -7.63 -20.92 30.75
N MET B 274 -8.24 -20.59 29.59
CA MET B 274 -8.14 -21.37 28.35
C MET B 274 -6.72 -21.38 27.78
N SER B 275 -5.90 -20.36 28.13
CA SER B 275 -4.51 -20.23 27.67
C SER B 275 -3.51 -21.07 28.46
N GLN B 276 -3.97 -21.81 29.51
CA GLN B 276 -3.10 -22.65 30.34
C GLN B 276 -2.43 -23.78 29.56
N HIS B 277 -1.19 -24.12 29.96
CA HIS B 277 -0.34 -25.18 29.38
C HIS B 277 0.00 -24.99 27.88
N MET B 278 -0.03 -23.73 27.40
CA MET B 278 0.29 -23.38 26.01
C MET B 278 1.79 -23.49 25.74
N GLU B 279 2.62 -23.26 26.78
CA GLU B 279 4.08 -23.35 26.71
C GLU B 279 4.62 -24.77 26.49
N ASP B 280 3.75 -25.79 26.61
CA ASP B 280 4.09 -27.20 26.37
C ASP B 280 4.28 -27.45 24.87
N TRP B 281 3.46 -26.77 24.04
CA TRP B 281 3.47 -26.86 22.58
C TRP B 281 4.17 -25.65 21.93
N ILE B 282 4.50 -24.60 22.72
CA ILE B 282 5.17 -23.39 22.24
C ILE B 282 6.38 -23.08 23.17
N PRO B 283 7.64 -23.39 22.74
CA PRO B 283 8.80 -23.13 23.62
C PRO B 283 9.12 -21.66 23.90
N HIS B 284 9.11 -20.80 22.86
CA HIS B 284 9.40 -19.36 23.01
C HIS B 284 8.12 -18.54 23.22
N LEU B 285 7.29 -18.95 24.19
CA LEU B 285 6.03 -18.28 24.51
C LEU B 285 6.20 -17.24 25.61
N LYS B 286 5.72 -16.02 25.33
CA LYS B 286 5.72 -14.90 26.26
C LYS B 286 4.28 -14.57 26.63
N ARG B 287 4.05 -13.97 27.81
CA ARG B 287 2.70 -13.66 28.28
C ARG B 287 2.46 -12.21 28.66
N GLY B 288 1.20 -11.81 28.55
CA GLY B 288 0.69 -10.49 28.89
C GLY B 288 -0.73 -10.58 29.41
N HIS B 289 -1.05 -9.83 30.47
CA HIS B 289 -2.39 -9.85 31.06
C HIS B 289 -2.89 -8.43 31.30
N ILE B 290 -4.14 -8.16 30.88
CA ILE B 290 -4.76 -6.84 31.05
C ILE B 290 -5.96 -6.92 31.98
N GLU B 291 -5.90 -6.13 33.08
CA GLU B 291 -6.95 -6.04 34.10
C GLU B 291 -8.09 -5.17 33.57
N ASP B 292 -9.33 -5.43 34.05
CA ASP B 292 -10.55 -4.68 33.69
C ASP B 292 -10.80 -4.62 32.16
N CYS B 293 -10.26 -5.61 31.42
CA CYS B 293 -10.34 -5.66 29.97
C CYS B 293 -11.29 -6.75 29.46
N GLY B 294 -12.31 -6.33 28.72
CA GLY B 294 -13.30 -7.22 28.12
C GLY B 294 -12.82 -7.87 26.84
N HIS B 295 -13.75 -8.34 26.01
CA HIS B 295 -13.45 -9.02 24.74
C HIS B 295 -12.83 -8.09 23.69
N TRP B 296 -13.33 -6.85 23.60
CA TRP B 296 -12.89 -5.84 22.63
C TRP B 296 -11.62 -5.13 23.12
N THR B 297 -10.58 -5.94 23.35
CA THR B 297 -9.24 -5.64 23.88
C THR B 297 -8.60 -4.35 23.36
N GLN B 298 -8.64 -4.12 22.04
CA GLN B 298 -8.04 -2.95 21.40
C GLN B 298 -8.78 -1.66 21.76
N MET B 299 -10.12 -1.70 21.81
CA MET B 299 -10.98 -0.56 22.15
C MET B 299 -11.03 -0.34 23.65
N ASP B 300 -11.11 -1.45 24.43
CA ASP B 300 -11.22 -1.45 25.89
C ASP B 300 -10.01 -0.79 26.57
N LYS B 301 -8.81 -1.36 26.38
CA LYS B 301 -7.58 -0.83 26.98
C LYS B 301 -6.51 -0.59 25.89
N PRO B 302 -6.65 0.48 25.05
CA PRO B 302 -5.66 0.72 23.99
C PRO B 302 -4.23 0.98 24.46
N THR B 303 -4.06 1.75 25.55
CA THR B 303 -2.75 2.10 26.12
C THR B 303 -1.99 0.86 26.59
N GLU B 304 -2.67 -0.06 27.29
CA GLU B 304 -2.10 -1.31 27.80
C GLU B 304 -1.69 -2.25 26.67
N VAL B 305 -2.51 -2.36 25.61
CA VAL B 305 -2.24 -3.20 24.42
C VAL B 305 -1.00 -2.66 23.69
N ASN B 306 -0.93 -1.33 23.48
CA ASN B 306 0.19 -0.64 22.83
C ASN B 306 1.51 -0.89 23.57
N GLN B 307 1.51 -0.79 24.92
CA GLN B 307 2.67 -1.03 25.77
C GLN B 307 3.20 -2.46 25.65
N ILE B 308 2.32 -3.47 25.79
CA ILE B 308 2.68 -4.90 25.70
C ILE B 308 3.19 -5.28 24.31
N LEU B 309 2.49 -4.84 23.24
CA LEU B 309 2.88 -5.12 21.85
C LEU B 309 4.24 -4.54 21.47
N ILE B 310 4.49 -3.25 21.80
CA ILE B 310 5.75 -2.56 21.51
C ILE B 310 6.94 -3.21 22.25
N LYS B 311 6.78 -3.48 23.57
CA LYS B 311 7.80 -4.11 24.42
C LYS B 311 8.22 -5.48 23.87
N TRP B 312 7.24 -6.33 23.49
CA TRP B 312 7.47 -7.66 22.95
C TRP B 312 8.12 -7.62 21.56
N LEU B 313 7.69 -6.68 20.70
CA LEU B 313 8.22 -6.51 19.34
C LEU B 313 9.71 -6.14 19.34
N ASP B 314 10.09 -5.13 20.16
CA ASP B 314 11.47 -4.65 20.27
C ASP B 314 12.43 -5.65 20.91
N SER B 315 11.93 -6.52 21.81
CA SER B 315 12.74 -7.49 22.54
C SER B 315 12.76 -8.91 21.96
N ASP B 316 11.63 -9.39 21.43
CA ASP B 316 11.51 -10.76 20.90
C ASP B 316 11.38 -10.89 19.37
N ALA B 317 10.78 -9.89 18.70
CA ALA B 317 10.60 -9.91 17.24
C ALA B 317 11.74 -9.24 16.46
N ARG B 318 12.41 -8.24 17.08
CA ARG B 318 13.52 -7.52 16.46
C ARG B 318 14.86 -8.16 16.82
#